data_5NY7
#
_entry.id   5NY7
#
_cell.length_a   75.249
_cell.length_b   114.779
_cell.length_c   65.363
_cell.angle_alpha   90.000
_cell.angle_beta   90.000
_cell.angle_gamma   90.000
#
_symmetry.space_group_name_H-M   'C 2 2 21'
#
loop_
_entity.id
_entity.type
_entity.pdbx_description
1 polymer Amidase
2 non-polymer 'CHLORIDE ION'
3 non-polymer NICOTINAMIDE
4 water water
#
_entity_poly.entity_id   1
_entity_poly.type   'polypeptide(L)'
_entity_poly.pdbx_seq_one_letter_code
;MGSSHHHHHHSSGLVPRGSHMRIALMQHTARPLDPQHNLDLIDDAAARASEQGAQLLLTPELFGFGYVPSQI(CSD)AQV
SAEQVDAARSRLRGIARDRGIALVWSLPGPEGPEQRGITAELADEHGEVLASYQKVQLYGPEEKAAFVPGEQPPPVLSWG
GRQLSLLVAYDVEFPEMVRAAAARGAQLVLVPTALAGDETSVPGILLPARAVENGITLAYANHCGPEGGLVFDGGSVVVG
PAGQPLGELGVEPGLLVVDLPDQSQDAGSDSADYLQDRRAELHRNWL
;
_entity_poly.pdbx_strand_id   A
#
loop_
_chem_comp.id
_chem_comp.type
_chem_comp.name
_chem_comp.formula
CL non-polymer 'CHLORIDE ION' 'Cl -1'
NCA non-polymer NICOTINAMIDE 'C6 H6 N2 O'
#
# COMPACT_ATOMS: atom_id res chain seq x y z
N GLY A 13 -4.20 4.46 -22.53
CA GLY A 13 -5.07 5.03 -23.67
C GLY A 13 -6.53 5.10 -23.27
N LEU A 14 -7.45 4.89 -24.24
CA LEU A 14 -8.85 4.99 -23.87
C LEU A 14 -9.20 3.91 -22.89
N VAL A 15 -10.13 4.19 -22.02
CA VAL A 15 -10.63 3.24 -21.00
C VAL A 15 -11.19 2.05 -21.75
N PRO A 16 -10.75 0.82 -21.43
CA PRO A 16 -11.02 -0.29 -22.41
C PRO A 16 -12.37 -0.94 -22.12
N ARG A 17 -12.89 -1.61 -23.19
CA ARG A 17 -14.17 -2.37 -23.23
C ARG A 17 -14.42 -3.20 -21.99
N GLY A 18 -13.51 -4.13 -21.70
CA GLY A 18 -13.73 -5.10 -20.63
C GLY A 18 -13.24 -4.71 -19.21
N SER A 19 -13.28 -3.41 -18.89
CA SER A 19 -12.65 -2.92 -17.61
C SER A 19 -13.37 -1.73 -16.97
N HIS A 20 -13.69 -1.80 -15.71
CA HIS A 20 -14.32 -0.70 -15.12
C HIS A 20 -13.44 -0.25 -14.00
N MET A 21 -12.19 -0.80 -13.87
CA MET A 21 -11.30 -0.21 -12.88
C MET A 21 -9.86 0.07 -13.41
N ARG A 22 -9.45 1.32 -13.29
CA ARG A 22 -8.09 1.72 -13.70
C ARG A 22 -7.48 2.28 -12.40
N ILE A 23 -6.30 1.68 -12.02
CA ILE A 23 -5.60 2.10 -10.82
C ILE A 23 -4.20 2.64 -11.16
N ALA A 24 -3.66 3.45 -10.26
CA ALA A 24 -2.34 4.00 -10.44
C ALA A 24 -1.53 3.76 -9.21
N LEU A 25 -0.23 3.54 -9.43
CA LEU A 25 0.73 3.41 -8.34
C LEU A 25 1.83 4.44 -8.44
N MET A 26 2.07 5.17 -7.40
CA MET A 26 3.15 6.15 -7.38
C MET A 26 4.41 5.52 -6.82
N GLN A 27 5.49 5.60 -7.56
CA GLN A 27 6.85 5.17 -7.19
C GLN A 27 7.73 6.37 -7.20
N HIS A 28 8.29 6.76 -6.09
CA HIS A 28 9.15 7.96 -6.03
C HIS A 28 10.05 7.88 -4.81
N THR A 29 10.90 8.88 -4.66
CA THR A 29 11.84 9.09 -3.56
C THR A 29 11.31 10.11 -2.65
N ALA A 30 11.21 9.84 -1.33
CA ALA A 30 10.83 10.83 -0.35
C ALA A 30 12.05 11.46 0.31
N ARG A 31 11.85 12.65 0.80
CA ARG A 31 12.85 13.35 1.60
C ARG A 31 12.52 13.13 3.06
N PRO A 32 13.43 12.55 3.84
CA PRO A 32 13.14 12.43 5.26
C PRO A 32 12.67 13.67 5.95
N LEU A 33 11.65 13.62 6.72
CA LEU A 33 11.18 14.67 7.61
C LEU A 33 10.80 15.93 6.85
N ASP A 34 10.33 15.81 5.61
CA ASP A 34 9.95 16.97 4.80
C ASP A 34 8.52 16.68 4.23
N PRO A 35 7.50 16.70 5.02
CA PRO A 35 6.18 16.41 4.48
C PRO A 35 5.67 17.36 3.44
N GLN A 36 6.05 18.66 3.46
CA GLN A 36 5.57 19.49 2.41
C GLN A 36 6.07 18.98 1.11
N HIS A 37 7.34 18.69 0.99
CA HIS A 37 7.93 18.14 -0.25
C HIS A 37 7.22 16.85 -0.66
N ASN A 38 7.15 15.93 0.32
CA ASN A 38 6.66 14.56 -0.05
C ASN A 38 5.16 14.58 -0.39
N LEU A 39 4.40 15.42 0.29
CA LEU A 39 2.99 15.51 0.00
C LEU A 39 2.75 16.29 -1.36
N ASP A 40 3.65 17.22 -1.65
CA ASP A 40 3.58 17.86 -2.99
C ASP A 40 3.79 16.82 -4.05
N LEU A 41 4.72 15.83 -3.86
CA LEU A 41 4.91 14.77 -4.79
C LEU A 41 3.62 13.92 -4.94
N ILE A 42 2.97 13.58 -3.83
CA ILE A 42 1.74 12.83 -3.86
C ILE A 42 0.67 13.63 -4.66
N ASP A 43 0.57 14.92 -4.40
CA ASP A 43 -0.42 15.75 -5.10
C ASP A 43 -0.19 15.73 -6.62
N ASP A 44 1.05 15.85 -7.00
CA ASP A 44 1.42 15.82 -8.39
C ASP A 44 0.95 14.49 -9.00
N ALA A 45 1.29 13.38 -8.34
CA ALA A 45 0.93 12.07 -8.83
C ALA A 45 -0.57 11.85 -8.88
N ALA A 46 -1.29 12.37 -7.92
CA ALA A 46 -2.74 12.26 -7.90
C ALA A 46 -3.39 12.97 -9.10
N ALA A 47 -2.86 14.16 -9.35
CA ALA A 47 -3.35 14.93 -10.52
C ALA A 47 -3.07 14.20 -11.74
N ARG A 48 -1.84 13.68 -11.96
CA ARG A 48 -1.51 12.98 -13.13
C ARG A 48 -2.31 11.70 -13.29
N ALA A 49 -2.44 10.94 -12.24
CA ALA A 49 -3.23 9.73 -12.31
C ALA A 49 -4.68 9.99 -12.75
N SER A 50 -5.24 11.03 -12.12
CA SER A 50 -6.64 11.41 -12.44
C SER A 50 -6.76 11.83 -13.92
N GLU A 51 -5.80 12.57 -14.41
CA GLU A 51 -5.83 12.95 -15.82
C GLU A 51 -5.78 11.79 -16.76
N GLN A 52 -5.09 10.68 -16.36
CA GLN A 52 -5.00 9.48 -17.14
C GLN A 52 -6.20 8.58 -16.87
N GLY A 53 -7.20 8.99 -16.20
CA GLY A 53 -8.43 8.20 -16.00
C GLY A 53 -8.31 7.20 -14.87
N ALA A 54 -7.29 7.25 -14.07
CA ALA A 54 -7.26 6.35 -12.91
C ALA A 54 -8.25 6.82 -11.91
N GLN A 55 -8.85 5.83 -11.19
CA GLN A 55 -9.82 6.09 -10.20
C GLN A 55 -9.35 6.02 -8.77
N LEU A 56 -8.11 5.46 -8.63
CA LEU A 56 -7.43 5.29 -7.33
C LEU A 56 -5.90 5.41 -7.53
N LEU A 57 -5.24 6.03 -6.57
CA LEU A 57 -3.77 6.12 -6.53
C LEU A 57 -3.33 5.46 -5.27
N LEU A 58 -2.42 4.50 -5.42
CA LEU A 58 -1.70 3.85 -4.28
C LEU A 58 -0.32 4.47 -4.09
N THR A 59 0.03 4.86 -2.88
CA THR A 59 1.32 5.48 -2.65
C THR A 59 2.13 4.66 -1.61
N PRO A 60 3.40 4.95 -1.45
CA PRO A 60 4.26 4.00 -0.64
C PRO A 60 4.25 4.17 0.83
N GLU A 61 4.86 3.23 1.54
CA GLU A 61 4.83 3.18 3.03
C GLU A 61 5.55 4.37 3.64
N LEU A 62 4.88 5.03 4.57
CA LEU A 62 5.47 6.17 5.27
C LEU A 62 5.94 7.23 4.35
N PHE A 63 5.35 7.39 3.17
CA PHE A 63 5.94 8.32 2.20
C PHE A 63 5.96 9.78 2.74
N GLY A 64 5.01 10.19 3.45
CA GLY A 64 4.85 11.61 3.78
C GLY A 64 5.99 12.02 4.65
N PHE A 65 6.59 11.25 5.54
CA PHE A 65 7.72 11.62 6.35
C PHE A 65 9.04 10.99 5.94
N GLY A 66 9.03 10.18 4.88
CA GLY A 66 10.12 9.34 4.54
C GLY A 66 10.15 8.07 5.36
N TYR A 67 10.78 7.02 4.79
CA TYR A 67 10.93 5.77 5.56
C TYR A 67 12.13 5.94 6.47
N VAL A 68 11.87 6.54 7.61
CA VAL A 68 12.95 6.82 8.63
C VAL A 68 12.38 6.53 10.04
N PRO A 69 12.15 5.20 10.34
CA PRO A 69 11.42 4.88 11.55
C PRO A 69 11.94 5.61 12.86
N SER A 70 13.24 5.47 13.10
CA SER A 70 13.79 6.03 14.37
C SER A 70 13.59 7.52 14.42
N GLN A 71 13.70 8.25 13.28
CA GLN A 71 13.50 9.66 13.26
C GLN A 71 12.10 10.10 13.34
N ILE A 72 11.15 9.26 12.85
CA ILE A 72 9.75 9.50 13.04
C ILE A 72 9.41 9.45 14.55
N CSD A 73 9.88 8.41 15.19
CA CSD A 73 9.60 8.28 16.63
CB CSD A 73 9.96 6.95 17.13
SG CSD A 73 9.57 6.74 18.92
C CSD A 73 10.25 9.49 17.38
O CSD A 73 9.57 10.00 18.23
OD1 CSD A 73 11.16 6.71 18.89
OD2 CSD A 73 9.29 5.24 19.80
N ALA A 74 11.44 9.83 17.04
CA ALA A 74 12.13 10.96 17.82
C ALA A 74 11.62 12.31 17.47
N GLN A 75 11.16 12.61 16.25
CA GLN A 75 11.00 13.96 15.79
C GLN A 75 9.65 14.33 15.29
N VAL A 76 8.77 13.37 14.98
CA VAL A 76 7.53 13.66 14.40
C VAL A 76 6.36 13.58 15.35
N SER A 77 5.76 14.68 15.68
CA SER A 77 4.69 14.71 16.63
C SER A 77 3.40 14.18 16.11
N ALA A 78 2.44 13.91 16.99
CA ALA A 78 1.12 13.60 16.63
C ALA A 78 0.46 14.67 15.81
N GLU A 79 0.66 15.95 16.23
CA GLU A 79 0.06 17.07 15.53
C GLU A 79 0.60 17.17 14.09
N GLN A 80 1.87 16.93 13.93
CA GLN A 80 2.49 16.91 12.55
C GLN A 80 1.90 15.75 11.67
N VAL A 81 1.69 14.58 12.31
CA VAL A 81 1.02 13.52 11.58
C VAL A 81 -0.37 13.91 11.12
N ASP A 82 -1.15 14.48 12.06
CA ASP A 82 -2.48 14.86 11.76
C ASP A 82 -2.56 15.93 10.60
N ALA A 83 -1.61 16.84 10.65
CA ALA A 83 -1.52 17.89 9.57
C ALA A 83 -1.26 17.25 8.18
N ALA A 84 -0.43 16.20 8.19
CA ALA A 84 -0.17 15.47 6.93
C ALA A 84 -1.39 14.70 6.51
N ARG A 85 -2.05 14.03 7.46
CA ARG A 85 -3.28 13.31 7.16
C ARG A 85 -4.32 14.24 6.50
N SER A 86 -4.55 15.42 7.14
CA SER A 86 -5.54 16.37 6.60
CA SER A 86 -5.54 16.40 6.64
C SER A 86 -5.20 16.84 5.21
N ARG A 87 -3.93 17.05 4.96
CA ARG A 87 -3.52 17.41 3.63
C ARG A 87 -3.80 16.28 2.63
N LEU A 88 -3.48 15.04 3.01
CA LEU A 88 -3.74 13.92 2.09
C LEU A 88 -5.25 13.77 1.77
N ARG A 89 -6.06 13.98 2.80
CA ARG A 89 -7.52 13.91 2.64
C ARG A 89 -7.90 14.95 1.59
N GLY A 90 -7.36 16.15 1.75
CA GLY A 90 -7.60 17.26 0.80
C GLY A 90 -7.16 16.95 -0.58
N ILE A 91 -6.04 16.17 -0.74
CA ILE A 91 -5.55 15.80 -2.10
C ILE A 91 -6.53 14.85 -2.74
N ALA A 92 -7.03 13.86 -2.07
CA ALA A 92 -8.01 12.96 -2.57
C ALA A 92 -9.23 13.76 -3.17
N ARG A 93 -9.70 14.65 -2.31
CA ARG A 93 -10.91 15.50 -2.72
C ARG A 93 -10.55 16.40 -3.84
N ASP A 94 -9.51 17.13 -3.74
CA ASP A 94 -9.20 18.19 -4.70
C ASP A 94 -8.71 17.67 -6.02
N ARG A 95 -8.10 16.47 -6.08
CA ARG A 95 -7.74 15.77 -7.29
C ARG A 95 -8.71 14.78 -7.75
N GLY A 96 -9.78 14.60 -7.01
CA GLY A 96 -10.88 13.78 -7.41
C GLY A 96 -10.50 12.37 -7.72
N ILE A 97 -9.73 11.74 -6.75
CA ILE A 97 -9.26 10.36 -6.91
C ILE A 97 -9.20 9.66 -5.57
N ALA A 98 -9.59 8.42 -5.52
CA ALA A 98 -9.40 7.66 -4.26
C ALA A 98 -7.85 7.54 -4.02
N LEU A 99 -7.47 7.55 -2.79
CA LEU A 99 -6.02 7.61 -2.44
C LEU A 99 -5.77 6.69 -1.29
N VAL A 100 -4.72 5.87 -1.44
CA VAL A 100 -4.20 5.07 -0.34
C VAL A 100 -2.89 5.67 0.02
N TRP A 101 -2.76 6.07 1.25
CA TRP A 101 -1.51 6.59 1.83
C TRP A 101 -1.13 5.80 3.09
N SER A 102 0.10 6.08 3.56
CA SER A 102 0.61 5.46 4.74
C SER A 102 1.39 6.43 5.60
N LEU A 103 0.91 6.63 6.78
CA LEU A 103 1.49 7.54 7.76
C LEU A 103 1.62 6.80 9.06
N PRO A 104 2.37 7.31 10.02
CA PRO A 104 2.19 6.83 11.41
C PRO A 104 0.76 6.99 11.83
N GLY A 105 0.30 6.16 12.77
CA GLY A 105 -0.96 6.30 13.38
C GLY A 105 -1.13 7.59 14.21
N PRO A 106 -2.32 7.65 14.74
CA PRO A 106 -2.68 9.11 15.31
C PRO A 106 -2.22 9.28 16.76
N GLU A 107 -1.78 8.28 17.48
CA GLU A 107 -1.47 8.40 18.91
C GLU A 107 -0.16 8.99 19.09
N GLY A 108 0.25 9.17 20.35
CA GLY A 108 1.56 9.69 20.61
C GLY A 108 2.71 8.86 20.03
N PRO A 109 3.90 9.42 19.91
CA PRO A 109 5.02 8.76 19.30
C PRO A 109 5.31 7.40 19.88
N GLU A 110 5.05 7.17 21.16
CA GLU A 110 5.34 5.89 21.79
C GLU A 110 4.22 4.87 21.75
N GLN A 111 3.08 5.27 21.25
CA GLN A 111 1.84 4.46 21.24
CA GLN A 111 1.91 4.42 21.22
C GLN A 111 1.35 4.10 19.84
N ARG A 112 1.80 4.85 18.83
CA ARG A 112 1.33 4.63 17.46
C ARG A 112 2.11 3.67 16.55
N GLY A 113 1.39 3.07 15.61
CA GLY A 113 1.95 2.13 14.61
C GLY A 113 2.21 2.81 13.29
N ILE A 114 2.57 1.94 12.32
CA ILE A 114 2.56 2.31 10.88
C ILE A 114 1.21 1.99 10.33
N THR A 115 0.56 2.86 9.62
CA THR A 115 -0.79 2.64 9.13
C THR A 115 -0.93 2.85 7.66
N ALA A 116 -2.04 2.44 7.11
CA ALA A 116 -2.47 2.83 5.77
C ALA A 116 -3.90 3.15 5.83
N GLU A 117 -4.29 4.12 5.02
CA GLU A 117 -5.68 4.51 4.93
C GLU A 117 -6.11 4.66 3.52
N LEU A 118 -7.38 4.40 3.21
CA LEU A 118 -7.99 4.59 1.88
C LEU A 118 -9.01 5.74 2.01
N ALA A 119 -8.89 6.78 1.28
CA ALA A 119 -9.92 7.83 1.17
C ALA A 119 -10.50 7.71 -0.17
N ASP A 120 -11.85 7.99 -0.33
CA ASP A 120 -12.43 8.02 -1.69
C ASP A 120 -12.25 9.36 -2.32
N GLU A 121 -12.77 9.53 -3.56
CA GLU A 121 -12.58 10.85 -4.28
C GLU A 121 -13.29 12.01 -3.70
N HIS A 122 -14.18 11.73 -2.77
CA HIS A 122 -14.77 12.81 -2.00
C HIS A 122 -14.07 13.09 -0.78
N GLY A 123 -12.94 12.41 -0.51
CA GLY A 123 -12.23 12.62 0.72
C GLY A 123 -12.77 11.80 1.90
N GLU A 124 -13.75 10.87 1.70
CA GLU A 124 -14.28 10.13 2.87
C GLU A 124 -13.12 9.08 3.18
N VAL A 125 -12.71 8.94 4.46
CA VAL A 125 -11.83 7.81 4.85
C VAL A 125 -12.58 6.65 4.95
N LEU A 126 -12.51 5.68 4.08
CA LEU A 126 -13.25 4.52 4.07
C LEU A 126 -12.74 3.45 5.00
N ALA A 127 -11.37 3.36 5.06
CA ALA A 127 -10.74 2.29 5.83
C ALA A 127 -9.38 2.66 6.34
N SER A 128 -9.03 2.14 7.49
CA SER A 128 -7.77 2.41 8.16
C SER A 128 -7.21 1.10 8.63
N TYR A 129 -5.92 0.91 8.62
CA TYR A 129 -5.30 -0.35 8.98
C TYR A 129 -3.95 -0.11 9.57
N GLN A 130 -3.58 -0.86 10.62
CA GLN A 130 -2.32 -0.74 11.27
C GLN A 130 -1.48 -1.98 10.96
N LYS A 131 -0.30 -1.80 10.38
CA LYS A 131 0.68 -2.81 10.03
C LYS A 131 0.85 -3.79 11.16
N VAL A 132 0.60 -5.08 10.96
CA VAL A 132 0.67 -6.16 11.99
C VAL A 132 2.07 -6.69 12.10
N GLN A 133 2.79 -6.82 10.95
CA GLN A 133 4.12 -7.40 10.89
C GLN A 133 5.19 -6.38 10.70
N LEU A 134 5.75 -5.89 11.77
CA LEU A 134 6.82 -4.89 11.72
C LEU A 134 8.08 -5.53 11.25
N TYR A 135 8.90 -4.82 10.47
CA TYR A 135 10.14 -5.33 9.93
C TYR A 135 11.36 -4.81 10.65
N GLY A 136 12.07 -5.70 11.35
CA GLY A 136 13.38 -5.33 11.87
C GLY A 136 13.29 -4.53 13.18
N PRO A 137 14.50 -4.38 13.78
CA PRO A 137 14.55 -3.75 15.06
C PRO A 137 14.25 -2.29 15.09
N GLU A 138 14.51 -1.56 14.00
CA GLU A 138 14.20 -0.15 13.99
C GLU A 138 12.70 0.10 13.98
N GLU A 139 11.96 -0.62 13.12
CA GLU A 139 10.51 -0.47 13.17
C GLU A 139 9.94 -0.84 14.53
N LYS A 140 10.48 -1.98 15.06
CA LYS A 140 9.96 -2.45 16.35
C LYS A 140 10.33 -1.54 17.48
N ALA A 141 11.34 -0.72 17.38
CA ALA A 141 11.66 0.32 18.39
C ALA A 141 10.76 1.52 18.25
N ALA A 142 10.36 1.85 17.00
CA ALA A 142 9.66 3.08 16.71
C ALA A 142 8.14 3.06 16.73
N PHE A 143 7.54 1.81 16.57
CA PHE A 143 6.15 1.63 16.31
C PHE A 143 5.60 0.41 17.10
N VAL A 144 4.32 0.51 17.35
CA VAL A 144 3.56 -0.58 17.99
C VAL A 144 2.94 -1.44 16.87
N PRO A 145 3.02 -2.76 16.94
CA PRO A 145 2.41 -3.59 15.90
C PRO A 145 0.91 -3.51 15.99
N GLY A 146 0.20 -3.58 14.87
CA GLY A 146 -1.23 -3.72 14.83
C GLY A 146 -1.73 -5.10 15.35
N GLU A 147 -3.00 -5.06 15.73
CA GLU A 147 -3.65 -6.26 16.35
C GLU A 147 -4.87 -6.62 15.69
N GLN A 148 -5.26 -6.00 14.57
CA GLN A 148 -6.55 -6.21 13.90
C GLN A 148 -6.36 -6.76 12.49
N PRO A 149 -7.23 -7.60 12.01
CA PRO A 149 -7.06 -8.15 10.68
C PRO A 149 -7.25 -7.06 9.59
N PRO A 150 -6.81 -7.33 8.38
CA PRO A 150 -6.97 -6.36 7.31
C PRO A 150 -8.44 -6.04 7.01
N PRO A 151 -8.78 -4.84 6.69
CA PRO A 151 -10.16 -4.48 6.35
C PRO A 151 -10.44 -4.85 4.95
N VAL A 152 -11.69 -5.18 4.61
CA VAL A 152 -12.13 -5.48 3.30
C VAL A 152 -13.39 -4.68 2.97
N LEU A 153 -13.43 -3.97 1.87
CA LEU A 153 -14.57 -3.06 1.59
C LEU A 153 -14.87 -2.98 0.17
N SER A 154 -16.18 -2.77 -0.20
CA SER A 154 -16.56 -2.54 -1.55
C SER A 154 -16.15 -1.17 -2.06
N TRP A 155 -15.49 -1.15 -3.19
CA TRP A 155 -15.18 0.15 -3.88
C TRP A 155 -15.00 -0.16 -5.28
N GLY A 156 -15.65 0.67 -6.13
CA GLY A 156 -15.46 0.51 -7.55
C GLY A 156 -15.84 -0.76 -8.15
N GLY A 157 -16.73 -1.49 -7.52
CA GLY A 157 -17.18 -2.77 -7.96
C GLY A 157 -16.42 -4.02 -7.59
N ARG A 158 -15.46 -3.86 -6.66
CA ARG A 158 -14.69 -4.99 -6.15
C ARG A 158 -14.54 -4.84 -4.64
N GLN A 159 -14.06 -5.93 -4.00
CA GLN A 159 -13.69 -5.91 -2.57
C GLN A 159 -12.20 -5.57 -2.49
N LEU A 160 -11.91 -4.45 -1.95
CA LEU A 160 -10.50 -3.94 -1.73
C LEU A 160 -10.08 -4.23 -0.35
N SER A 161 -8.77 -4.38 -0.10
CA SER A 161 -8.20 -4.57 1.22
C SER A 161 -6.84 -3.84 1.27
N LEU A 162 -6.35 -3.65 2.45
CA LEU A 162 -5.05 -2.98 2.74
C LEU A 162 -4.16 -3.90 3.53
N LEU A 163 -2.90 -3.92 3.14
CA LEU A 163 -1.81 -4.47 3.95
C LEU A 163 -0.61 -3.56 3.83
N VAL A 164 0.38 -3.63 4.70
CA VAL A 164 1.55 -2.77 4.59
C VAL A 164 2.84 -3.56 4.52
N ALA A 165 3.58 -3.38 3.43
CA ALA A 165 4.96 -3.78 3.28
C ALA A 165 5.14 -5.21 3.75
N TYR A 166 5.95 -5.44 4.78
CA TYR A 166 6.31 -6.79 5.26
C TYR A 166 5.11 -7.67 5.43
N ASP A 167 3.97 -7.15 5.81
CA ASP A 167 2.72 -7.93 5.93
C ASP A 167 2.56 -8.89 4.75
N VAL A 168 2.75 -8.41 3.52
CA VAL A 168 2.40 -9.22 2.35
C VAL A 168 3.30 -10.42 2.21
N GLU A 169 4.45 -10.41 2.85
CA GLU A 169 5.38 -11.55 2.78
C GLU A 169 4.91 -12.71 3.59
N PHE A 170 3.90 -12.51 4.42
CA PHE A 170 3.34 -13.63 5.23
C PHE A 170 2.13 -14.12 4.53
N PRO A 171 2.06 -15.40 4.12
CA PRO A 171 0.86 -15.87 3.50
C PRO A 171 -0.36 -15.69 4.36
N GLU A 172 -0.19 -15.82 5.69
CA GLU A 172 -1.32 -15.68 6.58
C GLU A 172 -2.01 -14.33 6.49
N MET A 173 -1.23 -13.27 6.23
CA MET A 173 -1.82 -11.92 6.15
C MET A 173 -2.67 -11.72 4.96
N VAL A 174 -2.21 -12.21 3.78
CA VAL A 174 -3.00 -12.17 2.55
C VAL A 174 -4.17 -13.09 2.64
N ARG A 175 -3.99 -14.28 3.24
CA ARG A 175 -5.12 -15.18 3.45
C ARG A 175 -6.17 -14.53 4.32
N ALA A 176 -5.75 -13.84 5.36
CA ALA A 176 -6.72 -13.15 6.24
C ALA A 176 -7.58 -12.18 5.44
N ALA A 177 -6.99 -11.43 4.51
CA ALA A 177 -7.76 -10.54 3.68
C ALA A 177 -8.68 -11.29 2.72
N ALA A 178 -8.15 -12.30 2.03
CA ALA A 178 -8.97 -13.07 1.13
C ALA A 178 -10.10 -13.82 1.82
N ALA A 179 -9.88 -14.26 3.04
CA ALA A 179 -10.95 -14.98 3.81
C ALA A 179 -12.09 -14.02 4.06
N ARG A 180 -11.86 -12.71 4.10
CA ARG A 180 -12.94 -11.75 4.36
C ARG A 180 -13.63 -11.31 3.08
N GLY A 181 -13.13 -11.80 1.95
CA GLY A 181 -13.66 -11.47 0.65
C GLY A 181 -12.81 -10.61 -0.24
N ALA A 182 -11.58 -10.30 0.16
CA ALA A 182 -10.76 -9.40 -0.69
C ALA A 182 -10.53 -9.96 -2.06
N GLN A 183 -10.61 -9.09 -3.02
CA GLN A 183 -10.29 -9.34 -4.42
C GLN A 183 -9.06 -8.55 -4.88
N LEU A 184 -8.85 -7.38 -4.36
CA LEU A 184 -7.77 -6.47 -4.71
C LEU A 184 -7.11 -5.99 -3.45
N VAL A 185 -5.85 -6.41 -3.23
CA VAL A 185 -5.11 -6.04 -2.03
C VAL A 185 -4.10 -5.00 -2.37
N LEU A 186 -4.18 -3.85 -1.72
CA LEU A 186 -3.35 -2.69 -1.98
C LEU A 186 -2.31 -2.54 -0.88
N VAL A 187 -1.03 -2.46 -1.29
CA VAL A 187 0.11 -2.59 -0.38
C VAL A 187 1.11 -1.48 -0.62
N PRO A 188 1.05 -0.40 0.21
CA PRO A 188 2.19 0.53 0.29
C PRO A 188 3.37 -0.25 0.82
N THR A 189 4.58 -0.01 0.28
CA THR A 189 5.80 -0.63 0.78
C THR A 189 6.99 0.29 0.80
N ALA A 190 8.09 -0.23 1.31
CA ALA A 190 9.38 0.46 1.40
C ALA A 190 10.45 -0.58 1.46
N LEU A 191 10.89 -1.01 0.34
CA LEU A 191 11.81 -2.15 0.17
C LEU A 191 13.08 -1.75 -0.53
N ALA A 192 14.19 -1.90 0.22
CA ALA A 192 15.52 -1.64 -0.26
C ALA A 192 16.38 -2.89 -0.16
N GLY A 193 17.57 -2.82 -0.73
CA GLY A 193 18.50 -3.99 -0.57
C GLY A 193 18.43 -4.93 -1.68
N ASP A 194 17.89 -4.57 -2.80
CA ASP A 194 17.78 -5.45 -3.97
C ASP A 194 17.16 -6.76 -3.60
N GLU A 195 16.02 -6.73 -2.88
CA GLU A 195 15.28 -7.85 -2.42
C GLU A 195 14.31 -8.29 -3.50
N THR A 196 14.85 -8.89 -4.54
CA THR A 196 14.04 -9.22 -5.69
C THR A 196 13.04 -10.36 -5.37
N SER A 197 13.26 -11.15 -4.35
CA SER A 197 12.39 -12.25 -4.06
C SER A 197 10.98 -11.82 -3.65
N VAL A 198 10.82 -10.58 -3.13
CA VAL A 198 9.50 -10.20 -2.69
C VAL A 198 8.60 -9.99 -3.86
N PRO A 199 8.86 -9.07 -4.79
CA PRO A 199 8.05 -8.99 -5.96
C PRO A 199 8.17 -10.09 -6.94
N GLY A 200 9.29 -10.75 -6.98
CA GLY A 200 9.53 -11.75 -7.99
C GLY A 200 8.99 -13.14 -7.66
N ILE A 201 9.03 -13.48 -6.39
CA ILE A 201 8.65 -14.83 -5.91
C ILE A 201 7.43 -14.79 -4.99
N LEU A 202 7.45 -13.92 -3.99
CA LEU A 202 6.33 -13.98 -3.03
C LEU A 202 5.05 -13.37 -3.57
N LEU A 203 5.07 -12.21 -4.21
N LEU A 203 5.06 -12.20 -4.19
CA LEU A 203 3.85 -11.60 -4.67
CA LEU A 203 3.87 -11.58 -4.66
C LEU A 203 3.09 -12.44 -5.64
C LEU A 203 3.08 -12.43 -5.65
N PRO A 204 3.73 -13.07 -6.63
CA PRO A 204 3.01 -13.91 -7.56
C PRO A 204 2.31 -15.06 -6.84
N ALA A 205 2.94 -15.65 -5.83
CA ALA A 205 2.29 -16.74 -5.07
C ALA A 205 1.12 -16.25 -4.26
N ARG A 206 1.27 -15.07 -3.66
CA ARG A 206 0.17 -14.50 -2.87
C ARG A 206 -1.09 -14.42 -3.73
N ALA A 207 -0.91 -13.92 -4.95
CA ALA A 207 -1.99 -13.78 -5.92
C ALA A 207 -2.51 -15.12 -6.32
N VAL A 208 -1.68 -16.05 -6.73
CA VAL A 208 -2.21 -17.36 -7.16
C VAL A 208 -2.86 -18.12 -6.07
N GLU A 209 -2.27 -18.11 -4.88
CA GLU A 209 -2.72 -19.02 -3.81
C GLU A 209 -4.05 -18.58 -3.22
N ASN A 210 -4.49 -17.31 -3.50
CA ASN A 210 -5.80 -16.79 -3.12
C ASN A 210 -6.69 -16.50 -4.26
N GLY A 211 -6.22 -16.51 -5.51
CA GLY A 211 -6.97 -16.00 -6.67
C GLY A 211 -7.32 -14.56 -6.58
N ILE A 212 -6.37 -13.71 -6.27
CA ILE A 212 -6.62 -12.26 -6.11
C ILE A 212 -5.61 -11.51 -6.94
N THR A 213 -5.86 -10.20 -6.95
CA THR A 213 -4.90 -9.20 -7.54
C THR A 213 -4.27 -8.44 -6.39
N LEU A 214 -2.98 -8.12 -6.54
CA LEU A 214 -2.28 -7.33 -5.54
C LEU A 214 -1.55 -6.19 -6.23
N ALA A 215 -1.54 -5.03 -5.62
CA ALA A 215 -0.80 -3.83 -6.06
C ALA A 215 0.18 -3.44 -5.02
N TYR A 216 1.45 -3.23 -5.42
CA TYR A 216 2.56 -3.08 -4.53
CA TYR A 216 2.62 -3.10 -4.51
C TYR A 216 3.38 -1.85 -4.94
N ALA A 217 3.30 -0.79 -4.13
CA ALA A 217 3.85 0.55 -4.51
C ALA A 217 5.01 0.84 -3.61
N ASN A 218 6.22 0.87 -4.19
CA ASN A 218 7.49 1.07 -3.50
C ASN A 218 8.04 2.47 -3.69
N HIS A 219 8.87 2.86 -2.71
CA HIS A 219 9.85 3.92 -2.94
C HIS A 219 10.86 3.43 -3.98
N CYS A 220 11.63 4.42 -4.47
CA CYS A 220 12.83 4.15 -5.28
C CYS A 220 13.89 5.20 -4.99
N GLY A 221 15.11 4.80 -5.27
CA GLY A 221 16.19 5.86 -5.19
C GLY A 221 16.64 6.08 -3.74
N PRO A 222 17.55 7.04 -3.61
CA PRO A 222 18.25 7.27 -2.34
C PRO A 222 17.36 8.03 -1.41
N GLU A 223 17.12 7.38 -0.24
CA GLU A 223 16.32 7.95 0.80
C GLU A 223 16.68 7.36 2.14
N GLY A 224 16.95 8.22 3.14
CA GLY A 224 17.02 7.76 4.54
C GLY A 224 18.14 6.78 4.78
N GLY A 225 19.24 6.85 4.06
CA GLY A 225 20.35 5.94 4.26
C GLY A 225 20.28 4.63 3.55
N LEU A 226 19.23 4.49 2.68
CA LEU A 226 18.95 3.32 1.86
C LEU A 226 18.81 3.79 0.40
N VAL A 227 18.91 2.78 -0.47
CA VAL A 227 18.53 2.99 -1.89
C VAL A 227 17.41 1.97 -2.17
N PHE A 228 16.21 2.57 -2.34
CA PHE A 228 15.02 1.70 -2.54
C PHE A 228 14.94 1.08 -3.88
N ASP A 229 14.37 -0.09 -3.95
CA ASP A 229 14.43 -0.93 -5.14
C ASP A 229 13.54 -0.52 -6.30
N GLY A 230 12.52 0.29 -6.01
CA GLY A 230 11.44 0.43 -7.01
C GLY A 230 10.77 -0.91 -7.21
N GLY A 231 10.54 -1.30 -8.50
CA GLY A 231 9.90 -2.54 -8.76
C GLY A 231 8.42 -2.57 -8.40
N SER A 232 7.79 -1.46 -8.34
CA SER A 232 6.32 -1.44 -8.13
C SER A 232 5.61 -2.29 -9.15
N VAL A 233 4.57 -2.96 -8.79
CA VAL A 233 3.95 -3.97 -9.65
C VAL A 233 2.54 -4.19 -9.30
N VAL A 234 1.74 -4.55 -10.28
CA VAL A 234 0.39 -5.09 -10.08
C VAL A 234 0.38 -6.50 -10.59
N VAL A 235 0.03 -7.46 -9.75
CA VAL A 235 0.05 -8.88 -10.06
CA VAL A 235 -0.02 -8.87 -10.14
C VAL A 235 -1.38 -9.38 -10.09
N GLY A 236 -1.81 -10.06 -11.19
CA GLY A 236 -3.17 -10.61 -11.24
C GLY A 236 -3.22 -12.00 -10.71
N PRO A 237 -4.43 -12.59 -10.77
CA PRO A 237 -4.68 -13.89 -10.11
C PRO A 237 -4.00 -15.07 -10.65
N ALA A 238 -3.44 -14.98 -11.84
CA ALA A 238 -2.53 -16.00 -12.36
C ALA A 238 -1.10 -15.81 -12.07
N GLY A 239 -0.81 -14.79 -11.22
CA GLY A 239 0.52 -14.52 -10.86
C GLY A 239 1.38 -13.67 -11.79
N GLN A 240 0.77 -13.17 -12.86
CA GLN A 240 1.53 -12.43 -13.85
C GLN A 240 1.49 -10.95 -13.60
N PRO A 241 2.51 -10.22 -13.98
CA PRO A 241 2.51 -8.80 -13.85
C PRO A 241 1.56 -8.14 -14.81
N LEU A 242 0.59 -7.42 -14.38
CA LEU A 242 -0.25 -6.61 -15.25
C LEU A 242 0.45 -5.35 -15.64
N GLY A 243 1.37 -4.88 -14.85
CA GLY A 243 2.17 -3.67 -15.12
C GLY A 243 3.26 -3.68 -14.09
N GLU A 244 4.37 -3.09 -14.38
CA GLU A 244 5.55 -3.02 -13.50
C GLU A 244 6.43 -1.87 -13.82
N LEU A 245 7.10 -1.31 -12.84
CA LEU A 245 8.13 -0.28 -12.97
C LEU A 245 9.46 -0.90 -12.68
N GLY A 246 10.48 -0.15 -13.09
CA GLY A 246 11.87 -0.44 -12.78
C GLY A 246 12.37 0.29 -11.58
N VAL A 247 13.57 0.90 -11.59
CA VAL A 247 14.16 1.54 -10.45
C VAL A 247 13.98 3.02 -10.35
N GLU A 248 13.39 3.66 -11.36
CA GLU A 248 13.25 5.11 -11.37
C GLU A 248 11.94 5.62 -10.99
N PRO A 249 11.72 6.85 -10.62
CA PRO A 249 10.42 7.37 -10.29
C PRO A 249 9.47 7.08 -11.41
N GLY A 250 8.23 6.76 -11.11
CA GLY A 250 7.21 6.60 -12.17
C GLY A 250 5.84 6.48 -11.61
N LEU A 251 4.88 6.53 -12.54
CA LEU A 251 3.48 6.39 -12.24
C LEU A 251 2.94 5.29 -13.07
N LEU A 252 2.63 4.13 -12.44
CA LEU A 252 2.18 2.95 -13.14
C LEU A 252 0.69 2.95 -13.19
N VAL A 253 0.10 2.90 -14.37
CA VAL A 253 -1.32 2.92 -14.55
C VAL A 253 -1.75 1.67 -15.21
N VAL A 254 -2.71 0.95 -14.59
CA VAL A 254 -3.12 -0.42 -14.98
CA VAL A 254 -3.14 -0.36 -15.11
C VAL A 254 -4.63 -0.54 -15.04
N ASP A 255 -5.13 -1.08 -16.16
CA ASP A 255 -6.53 -1.49 -16.21
C ASP A 255 -6.74 -2.92 -15.64
N LEU A 256 -7.60 -3.05 -14.73
CA LEU A 256 -7.88 -4.38 -14.20
C LEU A 256 -9.06 -4.97 -15.10
N PRO A 257 -8.90 -6.22 -15.52
CA PRO A 257 -10.01 -6.92 -16.21
C PRO A 257 -10.99 -7.35 -15.12
N ASP A 258 -12.26 -7.56 -15.41
CA ASP A 258 -13.29 -7.83 -14.35
C ASP A 258 -13.17 -9.16 -13.57
N ALA A 268 -7.80 -23.89 -9.14
CA ALA A 268 -8.17 -24.61 -7.86
C ALA A 268 -8.90 -23.65 -6.92
N ASP A 269 -9.87 -24.11 -6.16
CA ASP A 269 -10.60 -23.36 -5.18
C ASP A 269 -9.90 -23.50 -3.81
N TYR A 270 -8.75 -22.81 -3.72
CA TYR A 270 -7.99 -22.80 -2.52
C TYR A 270 -8.76 -22.27 -1.29
N LEU A 271 -9.49 -21.16 -1.52
CA LEU A 271 -10.17 -20.55 -0.40
C LEU A 271 -11.27 -21.43 0.23
N GLN A 272 -11.94 -22.20 -0.61
CA GLN A 272 -12.96 -23.14 -0.09
C GLN A 272 -12.31 -24.42 0.40
N ASP A 273 -11.25 -24.90 -0.31
CA ASP A 273 -10.75 -26.20 0.02
C ASP A 273 -9.92 -26.23 1.27
N ARG A 274 -9.22 -25.15 1.59
CA ARG A 274 -8.34 -25.12 2.77
C ARG A 274 -9.05 -25.61 4.01
N ARG A 275 -8.39 -26.44 4.77
CA ARG A 275 -8.95 -27.02 6.01
C ARG A 275 -8.58 -26.05 7.12
N ALA A 276 -9.27 -24.93 7.16
CA ALA A 276 -8.92 -23.85 8.09
C ALA A 276 -9.00 -24.19 9.55
N GLU A 277 -9.93 -25.11 9.91
CA GLU A 277 -10.01 -25.47 11.30
C GLU A 277 -8.96 -26.29 11.78
N LEU A 278 -8.29 -27.07 10.88
CA LEU A 278 -7.06 -27.72 11.23
C LEU A 278 -5.83 -26.79 11.18
N HIS A 279 -5.77 -25.98 10.07
CA HIS A 279 -4.64 -25.06 9.91
C HIS A 279 -4.46 -24.14 11.14
N ARG A 280 -5.56 -23.66 11.68
CA ARG A 280 -5.45 -22.74 12.79
C ARG A 280 -4.83 -23.38 14.05
N ASN A 281 -4.91 -24.69 14.18
CA ASN A 281 -4.28 -25.37 15.25
C ASN A 281 -2.85 -25.71 15.02
N TRP A 282 -2.38 -25.54 13.78
CA TRP A 282 -1.06 -25.98 13.43
C TRP A 282 -0.05 -24.91 13.18
N LEU A 283 -0.48 -23.66 13.25
CA LEU A 283 0.50 -22.56 13.09
C LEU A 283 1.33 -22.37 14.30
CL CL B . -2.26 -12.80 -13.78
N1 NCA C . 10.74 -6.29 3.81
C2 NCA C . 9.82 -5.37 4.27
C3 NCA C . 10.19 -4.12 4.69
C4 NCA C . 11.53 -3.68 4.65
C5 NCA C . 12.49 -4.68 4.28
C6 NCA C . 12.03 -5.89 3.90
C7 NCA C . 9.12 -3.25 5.15
O7 NCA C . 8.18 -3.69 5.80
N7 NCA C . 9.15 -1.92 4.88
N1 NCA D . -6.86 8.88 12.57
C2 NCA D . -5.87 8.08 11.95
C3 NCA D . -6.13 6.76 11.70
C4 NCA D . -7.33 6.14 11.95
C5 NCA D . -8.29 6.98 12.57
C6 NCA D . -7.98 8.29 12.83
C7 NCA D . -5.04 5.94 11.07
O7 NCA D . -5.23 4.73 10.90
N7 NCA D . -3.88 6.46 10.75
N1 NCA E . -12.02 1.84 -26.58
C2 NCA E . -12.74 2.38 -25.57
C3 NCA E . -13.70 3.39 -25.86
C4 NCA E . -13.91 3.77 -27.19
C5 NCA E . -13.18 3.14 -28.16
C6 NCA E . -12.20 2.22 -27.83
C7 NCA E . -14.48 4.07 -24.79
O7 NCA E . -15.41 4.76 -25.11
N7 NCA E . -14.22 4.06 -23.48
#